data_6OTC
#
_entry.id   6OTC
#
_cell.length_a   57.827
_cell.length_b   97.422
_cell.length_c   110.325
_cell.angle_alpha   90.000
_cell.angle_beta   90.000
_cell.angle_gamma   90.000
#
_symmetry.space_group_name_H-M   'P 21 21 2'
#
loop_
_entity.id
_entity.type
_entity.pdbx_description
1 polymer 'Polymerase cofactor VP35'
2 polymer 'sFab H3 heavy chain'
3 polymer 'sFab H3 light chain'
4 non-polymer GLYCEROL
5 non-polymer 'CHLORIDE ION'
6 water water
#
loop_
_entity_poly.entity_id
_entity_poly.type
_entity_poly.pdbx_seq_one_letter_code
_entity_poly.pdbx_strand_id
1 'polypeptide(L)'
;GHMSKPNLSAKDLALLLFTHLPGNNTPFHILAQVLSKIAYKSGKSGAFLDAFHQILSEGENAQAALTRLSRTFDAFMGVV
PPVIRVKNFQTVPRPCQKSLRAVPPNPTIDKGWVCVYSSEQGETRALKI
;
A
2 'polypeptide(L)'
;EISEVQLVESGGGLVQPGGSLRLSCAASGFNISYYYIHWVRQAPGKGLEWVASIYPYYGYTSYADSVKGRFTISADTSKN
TAYLQMNSLRAEDTAVYYCARGSSWYGAHAFDYWGQGTLVTVSSASTKGPSVFPLAPSSKSTSGGTAALGCLVKDYFPEP
VTVSWNSGALTSGVHTFPAVLQSSGLYSLSSVVTVPSSSLGTQTYICNVNHKPSNTKVDKKVEPKSCDKTHTSRHHHHHH
;
H
3 'polypeptide(L)'
;SMASDIQMTQSPSSLSASVGDRVTITCRASQSVSSAVAWYQQKPGKAPKLLIYSASSLYSGVPSRFSGSRSGTDFTLTIS
SLQPEDFATYYCQQGYYYAYSLITFGQGTKVEIKRTVAAPSVFIFPPSDSQLKSGTASVVCLLNNFYPREAKVQWKVDNA
LQSGNSQESVTEQDSKDSTYSLSSTLTLSKADYEKHKVYACEVTHQGLSSPVTKSFNRGECGGSDYKDDDDK
;
L
#
# COMPACT_ATOMS: atom_id res chain seq x y z
N LEU A 8 24.52 12.62 25.91
CA LEU A 8 25.09 11.56 25.01
C LEU A 8 25.77 12.23 23.81
N SER A 9 27.10 12.38 23.85
CA SER A 9 27.92 13.07 22.82
C SER A 9 28.10 12.16 21.58
N ALA A 10 28.57 12.72 20.47
CA ALA A 10 28.97 11.96 19.26
C ALA A 10 30.01 10.89 19.63
N LYS A 11 31.06 11.28 20.35
CA LYS A 11 32.16 10.33 20.71
C LYS A 11 31.60 9.19 21.57
N ASP A 12 30.76 9.50 22.56
CA ASP A 12 30.14 8.49 23.47
C ASP A 12 29.32 7.48 22.66
N LEU A 13 28.52 7.98 21.71
CA LEU A 13 27.67 7.13 20.83
C LEU A 13 28.58 6.24 19.97
N ALA A 14 29.60 6.82 19.34
CA ALA A 14 30.56 6.06 18.49
C ALA A 14 31.21 4.93 19.30
N LEU A 15 31.64 5.23 20.51
CA LEU A 15 32.27 4.19 21.37
C LEU A 15 31.25 3.09 21.70
N LEU A 16 30.00 3.42 22.02
CA LEU A 16 28.94 2.39 22.25
C LEU A 16 28.84 1.51 21.01
N LEU A 17 28.75 2.11 19.83
CA LEU A 17 28.56 1.34 18.57
C LEU A 17 29.77 0.44 18.33
N PHE A 18 30.96 0.98 18.54
CA PHE A 18 32.24 0.22 18.40
C PHE A 18 32.18 -1.06 19.24
N THR A 19 31.59 -1.05 20.45
CA THR A 19 31.57 -2.27 21.29
C THR A 19 30.83 -3.40 20.57
N HIS A 20 30.00 -3.09 19.57
CA HIS A 20 29.20 -4.08 18.83
C HIS A 20 29.86 -4.50 17.51
N LEU A 21 30.98 -3.87 17.12
CA LEU A 21 31.60 -4.11 15.79
C LEU A 21 32.89 -4.92 15.92
N PRO A 22 33.03 -6.02 15.15
CA PRO A 22 34.27 -6.77 15.12
C PRO A 22 35.40 -6.02 14.37
N GLY A 23 36.65 -6.32 14.74
CA GLY A 23 37.85 -5.87 14.02
C GLY A 23 38.07 -4.37 14.16
N ASN A 24 38.83 -3.78 13.25
CA ASN A 24 39.17 -2.33 13.31
C ASN A 24 39.34 -1.80 11.89
N ASN A 25 39.17 -0.49 11.72
CA ASN A 25 39.41 0.22 10.43
C ASN A 25 38.46 -0.33 9.36
N THR A 26 37.31 -0.88 9.77
CA THR A 26 36.30 -1.43 8.84
C THR A 26 35.38 -0.30 8.35
N PRO A 27 34.74 -0.45 7.18
CA PRO A 27 33.72 0.50 6.73
C PRO A 27 32.65 0.82 7.80
N PHE A 28 32.25 -0.17 8.59
CA PHE A 28 31.21 -0.01 9.64
C PHE A 28 31.72 0.91 10.76
N HIS A 29 33.04 0.94 11.01
CA HIS A 29 33.65 1.86 11.99
C HIS A 29 33.59 3.30 11.45
N ILE A 30 33.97 3.50 10.19
CA ILE A 30 33.86 4.83 9.53
C ILE A 30 32.38 5.25 9.61
N LEU A 31 31.47 4.35 9.26
CA LEU A 31 30.00 4.64 9.23
C LEU A 31 29.55 5.01 10.64
N ALA A 32 29.91 4.23 11.66
CA ALA A 32 29.52 4.49 13.07
C ALA A 32 29.91 5.92 13.44
N GLN A 33 31.13 6.34 13.11
N GLN A 33 31.15 6.30 13.14
CA GLN A 33 31.67 7.68 13.47
CA GLN A 33 31.70 7.67 13.42
C GLN A 33 30.90 8.77 12.70
C GLN A 33 30.82 8.71 12.72
N VAL A 34 30.68 8.58 11.40
CA VAL A 34 29.93 9.54 10.52
C VAL A 34 28.50 9.70 11.05
N LEU A 35 27.78 8.60 11.26
CA LEU A 35 26.36 8.63 11.73
C LEU A 35 26.26 9.25 13.14
N SER A 36 27.18 8.91 14.06
CA SER A 36 27.12 9.44 15.45
CA SER A 36 27.14 9.44 15.46
C SER A 36 27.22 10.97 15.43
N LYS A 37 28.08 11.50 14.57
CA LYS A 37 28.36 12.96 14.47
C LYS A 37 27.11 13.67 13.93
N ILE A 38 26.48 13.11 12.89
CA ILE A 38 25.26 13.70 12.25
C ILE A 38 24.08 13.57 13.22
N ALA A 39 23.89 12.39 13.81
CA ALA A 39 22.82 12.14 14.81
C ALA A 39 22.89 13.18 15.92
N TYR A 40 24.09 13.46 16.44
CA TYR A 40 24.29 14.40 17.56
C TYR A 40 23.92 15.82 17.09
N LYS A 41 24.50 16.26 15.98
CA LYS A 41 24.36 17.63 15.41
C LYS A 41 22.88 17.93 15.14
N SER A 42 22.09 16.92 14.76
CA SER A 42 20.63 17.06 14.47
C SER A 42 19.81 16.91 15.76
N GLY A 43 20.45 16.70 16.90
CA GLY A 43 19.80 16.56 18.22
C GLY A 43 19.08 15.23 18.38
N LYS A 44 19.49 14.20 17.65
CA LYS A 44 18.76 12.91 17.54
C LYS A 44 19.65 11.72 18.00
N SER A 45 20.63 11.97 18.86
CA SER A 45 21.56 10.93 19.36
C SER A 45 20.79 9.83 20.11
N GLY A 46 19.92 10.22 21.06
CA GLY A 46 19.11 9.28 21.87
C GLY A 46 18.17 8.46 21.00
N ALA A 47 17.46 9.10 20.08
CA ALA A 47 16.51 8.42 19.16
C ALA A 47 17.29 7.45 18.26
N PHE A 48 18.47 7.85 17.79
CA PHE A 48 19.33 6.97 16.94
C PHE A 48 19.70 5.71 17.76
N LEU A 49 20.20 5.89 18.98
CA LEU A 49 20.65 4.76 19.82
C LEU A 49 19.46 3.82 20.11
N ASP A 50 18.27 4.38 20.40
CA ASP A 50 17.06 3.55 20.68
C ASP A 50 16.72 2.71 19.45
N ALA A 51 16.78 3.32 18.26
CA ALA A 51 16.48 2.65 16.98
C ALA A 51 17.48 1.52 16.75
N PHE A 52 18.76 1.81 16.98
CA PHE A 52 19.88 0.83 16.88
C PHE A 52 19.61 -0.38 17.77
N HIS A 53 19.27 -0.13 19.04
CA HIS A 53 18.96 -1.20 20.02
C HIS A 53 17.73 -1.99 19.58
N GLN A 54 16.69 -1.33 19.06
CA GLN A 54 15.48 -2.04 18.56
C GLN A 54 15.90 -3.01 17.44
N ILE A 55 16.74 -2.58 16.51
CA ILE A 55 17.14 -3.47 15.38
C ILE A 55 17.96 -4.64 15.94
N LEU A 56 18.87 -4.41 16.89
CA LEU A 56 19.60 -5.55 17.52
C LEU A 56 18.60 -6.56 18.10
N SER A 57 17.51 -6.08 18.71
CA SER A 57 16.51 -6.92 19.41
C SER A 57 15.82 -7.84 18.40
N GLU A 58 15.85 -7.48 17.10
CA GLU A 58 15.26 -8.29 16.00
C GLU A 58 16.19 -9.42 15.55
N GLY A 59 17.39 -9.51 16.13
CA GLY A 59 18.36 -10.59 15.83
C GLY A 59 19.30 -10.22 14.69
N GLU A 60 19.27 -8.97 14.24
CA GLU A 60 20.22 -8.43 13.24
C GLU A 60 21.47 -7.95 13.97
N ASN A 61 22.63 -8.04 13.32
CA ASN A 61 23.93 -7.61 13.90
C ASN A 61 24.09 -6.10 13.74
N ALA A 62 25.10 -5.51 14.37
CA ALA A 62 25.27 -4.04 14.39
C ALA A 62 25.59 -3.54 12.97
N GLN A 63 26.35 -4.32 12.20
CA GLN A 63 26.69 -3.99 10.79
C GLN A 63 25.40 -3.77 10.00
N ALA A 64 24.45 -4.70 10.12
CA ALA A 64 23.11 -4.62 9.46
C ALA A 64 22.31 -3.44 10.02
N ALA A 65 22.30 -3.25 11.35
CA ALA A 65 21.54 -2.16 12.01
C ALA A 65 22.06 -0.81 11.50
N LEU A 66 23.37 -0.62 11.44
CA LEU A 66 23.98 0.65 10.98
C LEU A 66 23.67 0.84 9.49
N THR A 67 23.74 -0.21 8.68
CA THR A 67 23.41 -0.16 7.23
C THR A 67 21.95 0.29 7.08
N ARG A 68 20.99 -0.37 7.73
CA ARG A 68 19.56 -0.03 7.65
C ARG A 68 19.33 1.41 8.14
N LEU A 69 19.93 1.82 9.26
CA LEU A 69 19.65 3.16 9.83
C LEU A 69 20.18 4.23 8.89
N SER A 70 21.33 4.00 8.25
CA SER A 70 21.94 4.92 7.26
C SER A 70 20.95 5.18 6.13
N ARG A 71 20.17 4.15 5.76
N ARG A 71 20.17 4.15 5.76
CA ARG A 71 19.21 4.16 4.62
CA ARG A 71 19.21 4.16 4.62
C ARG A 71 17.85 4.74 5.04
C ARG A 71 17.84 4.71 5.03
N THR A 72 17.45 4.60 6.30
CA THR A 72 16.05 4.85 6.76
C THR A 72 15.90 5.93 7.84
N PHE A 73 16.91 6.19 8.67
CA PHE A 73 16.80 7.15 9.81
C PHE A 73 16.83 8.58 9.26
N ASP A 74 15.85 9.40 9.66
CA ASP A 74 15.50 10.69 8.99
C ASP A 74 16.68 11.67 9.05
N ALA A 75 17.50 11.61 10.10
CA ALA A 75 18.66 12.51 10.32
C ALA A 75 19.64 12.47 9.13
N PHE A 76 19.71 11.35 8.40
CA PHE A 76 20.73 11.09 7.35
C PHE A 76 20.17 11.23 5.94
N MET A 77 18.85 11.43 5.81
N MET A 77 18.85 11.44 5.82
CA MET A 77 18.14 11.58 4.51
CA MET A 77 18.13 11.60 4.52
C MET A 77 18.68 12.81 3.78
C MET A 77 18.69 12.81 3.78
N GLY A 78 19.26 12.59 2.58
CA GLY A 78 19.76 13.64 1.69
C GLY A 78 20.97 14.39 2.25
N VAL A 79 21.63 13.85 3.29
CA VAL A 79 22.82 14.49 3.92
C VAL A 79 24.05 14.11 3.08
N VAL A 80 24.80 15.10 2.63
CA VAL A 80 26.05 14.89 1.85
C VAL A 80 27.05 14.23 2.78
N PRO A 81 27.82 13.22 2.32
CA PRO A 81 28.83 12.60 3.18
C PRO A 81 29.88 13.63 3.61
N PRO A 82 30.47 13.48 4.82
CA PRO A 82 31.57 14.34 5.24
C PRO A 82 32.85 14.02 4.46
N VAL A 83 33.72 15.02 4.31
CA VAL A 83 35.10 14.87 3.77
C VAL A 83 36.02 14.39 4.89
N ILE A 84 36.83 13.38 4.61
CA ILE A 84 37.99 12.99 5.46
C ILE A 84 39.26 13.29 4.65
N ARG A 85 40.11 14.17 5.17
CA ARG A 85 41.39 14.54 4.53
C ARG A 85 42.34 13.35 4.72
N VAL A 86 42.98 12.89 3.63
CA VAL A 86 44.07 11.87 3.67
C VAL A 86 45.26 12.38 2.83
N LYS A 87 46.47 11.88 3.12
CA LYS A 87 47.70 12.15 2.32
C LYS A 87 47.45 11.71 0.88
N ASN A 88 46.85 10.52 0.73
CA ASN A 88 46.68 9.77 -0.54
C ASN A 88 45.78 8.56 -0.25
N PHE A 89 45.30 7.87 -1.28
CA PHE A 89 44.28 6.79 -1.14
C PHE A 89 44.93 5.49 -0.63
N GLN A 90 46.24 5.52 -0.36
CA GLN A 90 47.01 4.39 0.22
C GLN A 90 46.92 4.45 1.75
N THR A 91 46.77 5.65 2.34
CA THR A 91 46.67 5.84 3.81
C THR A 91 45.21 5.71 4.27
N VAL A 92 44.28 5.41 3.36
CA VAL A 92 42.89 5.02 3.72
C VAL A 92 43.00 3.67 4.43
N PRO A 93 42.42 3.52 5.64
CA PRO A 93 42.46 2.24 6.36
C PRO A 93 42.35 1.06 5.39
N ARG A 94 43.25 0.09 5.53
N ARG A 94 43.24 0.09 5.54
CA ARG A 94 43.41 -1.05 4.59
CA ARG A 94 43.41 -1.06 4.59
C ARG A 94 42.06 -1.73 4.34
C ARG A 94 42.08 -1.74 4.33
N PRO A 95 41.27 -2.10 5.37
CA PRO A 95 40.01 -2.82 5.14
C PRO A 95 38.92 -2.02 4.39
N CYS A 96 39.11 -0.71 4.22
CA CYS A 96 38.16 0.17 3.51
C CYS A 96 38.55 0.32 2.03
N GLN A 97 39.80 0.04 1.67
CA GLN A 97 40.37 0.34 0.32
C GLN A 97 39.56 -0.39 -0.75
N LYS A 98 39.16 -1.63 -0.47
CA LYS A 98 38.25 -2.48 -1.30
C LYS A 98 37.02 -1.69 -1.74
N SER A 99 36.46 -0.85 -0.86
CA SER A 99 35.12 -0.21 -1.00
C SER A 99 35.20 1.20 -1.58
N LEU A 100 36.41 1.71 -1.86
CA LEU A 100 36.62 3.05 -2.47
C LEU A 100 36.07 3.06 -3.90
N ARG A 101 35.27 4.07 -4.23
CA ARG A 101 34.70 4.29 -5.59
C ARG A 101 34.88 5.76 -6.01
N ALA A 102 34.69 6.05 -7.29
CA ALA A 102 34.57 7.42 -7.84
C ALA A 102 33.37 8.11 -7.18
N VAL A 103 33.52 9.38 -6.84
CA VAL A 103 32.44 10.21 -6.21
C VAL A 103 31.35 10.42 -7.25
N PRO A 104 30.10 9.94 -7.03
CA PRO A 104 29.00 10.14 -7.97
C PRO A 104 28.46 11.56 -7.94
N PRO A 105 27.59 11.96 -8.91
CA PRO A 105 27.05 13.32 -8.96
C PRO A 105 26.54 13.91 -7.64
N ASN A 106 25.55 13.28 -6.99
CA ASN A 106 24.88 13.81 -5.77
C ASN A 106 24.97 12.79 -4.64
N PRO A 107 26.17 12.54 -4.05
CA PRO A 107 26.32 11.49 -3.05
C PRO A 107 25.58 11.88 -1.76
N THR A 108 24.85 10.93 -1.17
CA THR A 108 24.14 11.12 0.13
C THR A 108 24.31 9.85 0.97
N ILE A 109 24.32 10.01 2.30
CA ILE A 109 24.50 8.92 3.30
C ILE A 109 23.49 7.81 2.99
N ASP A 110 22.25 8.17 2.67
CA ASP A 110 21.11 7.21 2.57
C ASP A 110 21.26 6.31 1.34
N LYS A 111 22.16 6.63 0.41
CA LYS A 111 22.44 5.82 -0.81
C LYS A 111 23.69 4.94 -0.59
N GLY A 112 24.30 4.99 0.60
CA GLY A 112 25.42 4.13 0.99
C GLY A 112 26.77 4.82 0.81
N TRP A 113 26.76 6.14 0.59
CA TRP A 113 27.98 6.98 0.47
C TRP A 113 28.36 7.51 1.86
N VAL A 114 29.34 6.85 2.50
CA VAL A 114 29.68 7.02 3.94
C VAL A 114 30.52 8.30 4.11
N CYS A 115 31.52 8.50 3.27
CA CYS A 115 32.40 9.69 3.34
C CYS A 115 33.09 9.91 2.00
N VAL A 116 33.67 11.10 1.82
CA VAL A 116 34.53 11.42 0.65
C VAL A 116 35.95 11.58 1.17
N TYR A 117 36.86 10.70 0.76
CA TYR A 117 38.30 10.84 1.02
C TYR A 117 38.83 11.86 0.00
N SER A 118 39.47 12.91 0.49
CA SER A 118 40.10 14.00 -0.30
C SER A 118 41.63 13.96 -0.10
N SER A 119 42.37 13.67 -1.17
CA SER A 119 43.86 13.57 -1.17
C SER A 119 44.48 14.97 -1.20
N GLU A 120 45.76 15.09 -0.85
CA GLU A 120 46.55 16.35 -0.91
C GLU A 120 46.59 16.87 -2.36
N GLN A 121 46.79 15.97 -3.32
CA GLN A 121 46.91 16.29 -4.77
C GLN A 121 45.55 16.74 -5.31
N GLY A 122 44.51 16.68 -4.47
CA GLY A 122 43.19 17.30 -4.72
C GLY A 122 42.19 16.32 -5.35
N GLU A 123 42.51 15.02 -5.34
CA GLU A 123 41.61 13.96 -5.88
C GLU A 123 40.68 13.48 -4.77
N THR A 124 39.56 12.85 -5.15
CA THR A 124 38.55 12.32 -4.19
C THR A 124 38.13 10.91 -4.59
N ARG A 125 37.88 10.07 -3.58
CA ARG A 125 37.17 8.77 -3.69
C ARG A 125 36.08 8.77 -2.61
N ALA A 126 35.01 8.00 -2.79
CA ALA A 126 33.91 7.86 -1.81
C ALA A 126 33.88 6.43 -1.28
N LEU A 127 33.58 6.28 0.01
CA LEU A 127 33.48 4.95 0.65
C LEU A 127 32.04 4.47 0.48
N LYS A 128 31.87 3.35 -0.22
CA LYS A 128 30.55 2.77 -0.56
C LYS A 128 30.36 1.50 0.27
N ILE A 129 29.23 1.39 0.98
CA ILE A 129 28.82 0.14 1.68
C ILE A 129 27.70 -0.52 0.85
N GLU B 4 19.09 -8.22 3.12
CA GLU B 4 18.11 -7.92 4.20
C GLU B 4 16.96 -8.94 4.10
N VAL B 5 16.15 -9.02 5.17
CA VAL B 5 15.01 -9.95 5.28
C VAL B 5 13.95 -9.55 4.24
N GLN B 6 13.49 -10.51 3.44
CA GLN B 6 12.30 -10.27 2.61
C GLN B 6 11.61 -11.60 2.31
N LEU B 7 10.33 -11.49 1.97
CA LEU B 7 9.49 -12.62 1.51
C LEU B 7 8.98 -12.23 0.14
N VAL B 8 9.22 -13.08 -0.86
CA VAL B 8 8.77 -12.84 -2.26
C VAL B 8 7.80 -13.96 -2.62
N GLU B 9 6.57 -13.59 -2.96
CA GLU B 9 5.51 -14.55 -3.35
C GLU B 9 5.42 -14.68 -4.87
N SER B 10 4.96 -15.85 -5.28
CA SER B 10 4.70 -16.23 -6.67
C SER B 10 3.63 -17.33 -6.68
N GLY B 11 3.00 -17.53 -7.83
CA GLY B 11 2.09 -18.67 -8.10
C GLY B 11 0.63 -18.27 -8.19
N GLY B 12 0.35 -16.97 -8.03
CA GLY B 12 -1.02 -16.43 -8.10
C GLY B 12 -1.56 -16.45 -9.51
N GLY B 13 -2.88 -16.31 -9.64
CA GLY B 13 -3.54 -16.15 -10.95
C GLY B 13 -4.95 -16.71 -10.94
N LEU B 14 -5.45 -17.01 -12.13
CA LEU B 14 -6.86 -17.37 -12.37
C LEU B 14 -6.95 -18.90 -12.44
N VAL B 15 -7.90 -19.46 -11.70
CA VAL B 15 -8.07 -20.94 -11.54
C VAL B 15 -9.56 -21.27 -11.54
N GLN B 16 -9.92 -22.39 -12.17
CA GLN B 16 -11.30 -22.93 -12.21
C GLN B 16 -11.76 -23.27 -10.80
N PRO B 17 -13.06 -23.06 -10.47
CA PRO B 17 -13.65 -23.65 -9.28
C PRO B 17 -13.36 -25.15 -9.29
N GLY B 18 -13.03 -25.72 -8.13
CA GLY B 18 -12.64 -27.14 -7.97
C GLY B 18 -11.17 -27.40 -8.29
N GLY B 19 -10.45 -26.39 -8.79
CA GLY B 19 -9.07 -26.54 -9.29
C GLY B 19 -8.06 -26.41 -8.16
N SER B 20 -6.79 -26.55 -8.51
CA SER B 20 -5.64 -26.51 -7.58
C SER B 20 -4.69 -25.40 -7.99
N LEU B 21 -4.05 -24.78 -7.01
CA LEU B 21 -3.03 -23.74 -7.23
C LEU B 21 -2.04 -23.82 -6.08
N ARG B 22 -0.76 -23.64 -6.36
CA ARG B 22 0.31 -23.71 -5.34
C ARG B 22 1.00 -22.34 -5.28
N LEU B 23 0.94 -21.69 -4.12
CA LEU B 23 1.66 -20.41 -3.86
C LEU B 23 3.01 -20.71 -3.23
N SER B 24 4.01 -19.90 -3.58
CA SER B 24 5.40 -19.99 -3.10
C SER B 24 5.71 -18.70 -2.34
N CYS B 25 6.40 -18.84 -1.21
CA CYS B 25 6.90 -17.75 -0.36
C CYS B 25 8.41 -17.95 -0.19
N ALA B 26 9.21 -17.27 -1.02
CA ALA B 26 10.68 -17.39 -1.03
C ALA B 26 11.29 -16.39 -0.06
N ALA B 27 11.97 -16.89 0.97
CA ALA B 27 12.57 -16.11 2.08
C ALA B 27 14.05 -15.85 1.76
N SER B 28 14.53 -14.65 2.09
CA SER B 28 15.97 -14.35 2.10
C SER B 28 16.31 -13.52 3.33
N GLY B 29 17.57 -13.58 3.77
CA GLY B 29 18.10 -12.79 4.91
C GLY B 29 17.86 -13.47 6.25
N PHE B 30 17.23 -14.64 6.27
CA PHE B 30 17.02 -15.42 7.52
C PHE B 30 16.74 -16.88 7.15
N ASN B 31 16.83 -17.76 8.13
CA ASN B 31 16.60 -19.22 7.95
C ASN B 31 15.16 -19.52 8.33
N ILE B 32 14.33 -19.97 7.37
N ILE B 32 14.38 -20.00 7.35
CA ILE B 32 12.87 -20.18 7.61
CA ILE B 32 12.92 -20.27 7.47
C ILE B 32 12.66 -21.31 8.63
C ILE B 32 12.67 -21.32 8.58
N SER B 33 13.67 -22.13 8.92
CA SER B 33 13.51 -23.32 9.80
C SER B 33 13.00 -22.90 11.18
N TYR B 34 13.42 -21.72 11.67
CA TYR B 34 13.30 -21.33 13.10
C TYR B 34 12.22 -20.28 13.31
N TYR B 35 11.46 -19.95 12.26
CA TYR B 35 10.32 -19.02 12.33
C TYR B 35 9.03 -19.73 11.92
N TYR B 36 7.89 -19.22 12.35
CA TYR B 36 6.61 -19.55 11.69
C TYR B 36 6.58 -18.81 10.35
N ILE B 37 6.16 -19.51 9.30
CA ILE B 37 5.68 -18.87 8.04
C ILE B 37 4.16 -18.99 7.99
N HIS B 38 3.48 -17.86 7.83
CA HIS B 38 2.00 -17.77 7.79
C HIS B 38 1.52 -17.45 6.37
N TRP B 39 0.33 -17.92 6.04
CA TRP B 39 -0.50 -17.38 4.93
C TRP B 39 -1.69 -16.65 5.54
N VAL B 40 -1.91 -15.42 5.06
CA VAL B 40 -3.02 -14.51 5.44
C VAL B 40 -3.63 -14.01 4.14
N ARG B 41 -4.95 -14.07 4.00
CA ARG B 41 -5.59 -13.60 2.75
C ARG B 41 -6.57 -12.47 3.04
N GLN B 42 -6.91 -11.72 2.00
CA GLN B 42 -7.92 -10.64 2.09
C GLN B 42 -8.82 -10.72 0.86
N ALA B 43 -10.06 -11.14 1.06
CA ALA B 43 -11.08 -11.23 -0.02
C ALA B 43 -11.62 -9.83 -0.27
N PRO B 44 -12.15 -9.56 -1.49
CA PRO B 44 -12.81 -8.29 -1.78
C PRO B 44 -13.80 -7.85 -0.69
N GLY B 45 -13.60 -6.64 -0.16
CA GLY B 45 -14.49 -6.04 0.86
C GLY B 45 -14.49 -6.77 2.19
N LYS B 46 -13.42 -7.51 2.51
CA LYS B 46 -13.30 -8.24 3.80
C LYS B 46 -12.00 -7.84 4.51
N GLY B 47 -11.89 -8.22 5.78
CA GLY B 47 -10.69 -7.97 6.59
C GLY B 47 -9.67 -9.05 6.37
N LEU B 48 -8.52 -8.95 7.04
CA LEU B 48 -7.47 -9.98 7.01
C LEU B 48 -8.02 -11.27 7.64
N GLU B 49 -7.82 -12.40 6.95
CA GLU B 49 -8.16 -13.75 7.44
C GLU B 49 -6.88 -14.58 7.48
N TRP B 50 -6.46 -15.00 8.67
CA TRP B 50 -5.35 -15.97 8.83
C TRP B 50 -5.81 -17.33 8.26
N VAL B 51 -4.94 -17.96 7.45
N VAL B 51 -4.97 -18.05 7.51
CA VAL B 51 -5.22 -19.19 6.66
CA VAL B 51 -5.42 -19.35 6.91
C VAL B 51 -4.48 -20.39 7.28
C VAL B 51 -4.46 -20.51 7.22
N ALA B 52 -3.16 -20.31 7.40
CA ALA B 52 -2.28 -21.46 7.74
C ALA B 52 -0.93 -21.00 8.25
N SER B 53 -0.25 -21.88 8.96
CA SER B 53 1.13 -21.64 9.41
C SER B 53 1.91 -22.95 9.49
N ILE B 54 3.22 -22.82 9.34
CA ILE B 54 4.20 -23.91 9.53
C ILE B 54 5.38 -23.39 10.36
N TYR B 55 5.85 -24.22 11.29
CA TYR B 55 7.14 -24.06 11.98
C TYR B 55 8.05 -25.18 11.45
N PRO B 56 8.87 -24.90 10.42
CA PRO B 56 9.49 -25.97 9.63
C PRO B 56 10.43 -26.86 10.46
N TYR B 57 11.15 -26.32 11.45
CA TYR B 57 12.10 -27.14 12.24
C TYR B 57 11.40 -28.41 12.76
N TYR B 58 10.20 -28.28 13.33
CA TYR B 58 9.46 -29.40 13.97
C TYR B 58 8.33 -29.90 13.08
N GLY B 59 8.01 -29.19 11.99
CA GLY B 59 6.90 -29.52 11.08
C GLY B 59 5.54 -29.25 11.69
N TYR B 60 5.42 -28.32 12.64
CA TYR B 60 4.11 -27.92 13.20
C TYR B 60 3.30 -27.20 12.12
N THR B 61 2.14 -27.74 11.78
CA THR B 61 1.19 -27.10 10.83
C THR B 61 -0.12 -26.77 11.55
N SER B 62 -0.71 -25.63 11.17
CA SER B 62 -2.00 -25.14 11.73
CA SER B 62 -2.01 -25.16 11.73
CA SER B 62 -2.00 -25.14 11.73
C SER B 62 -2.81 -24.52 10.59
N TYR B 63 -4.13 -24.74 10.59
CA TYR B 63 -5.03 -24.30 9.51
C TYR B 63 -6.31 -23.67 10.07
N ALA B 64 -6.83 -22.65 9.37
CA ALA B 64 -8.18 -22.10 9.63
C ALA B 64 -9.19 -23.18 9.24
N ASP B 65 -10.28 -23.28 10.00
CA ASP B 65 -11.36 -24.26 9.75
C ASP B 65 -11.85 -24.10 8.30
N SER B 66 -11.89 -22.87 7.78
CA SER B 66 -12.41 -22.53 6.43
C SER B 66 -11.58 -23.21 5.32
N VAL B 67 -10.33 -23.59 5.59
CA VAL B 67 -9.43 -24.18 4.54
C VAL B 67 -8.98 -25.58 4.95
N LYS B 68 -9.39 -26.07 6.13
CA LYS B 68 -8.98 -27.39 6.66
C LYS B 68 -9.37 -28.47 5.65
N GLY B 69 -8.46 -29.38 5.33
CA GLY B 69 -8.71 -30.52 4.43
C GLY B 69 -8.40 -30.19 2.98
N ARG B 70 -8.47 -28.91 2.60
CA ARG B 70 -8.33 -28.48 1.19
C ARG B 70 -6.95 -27.84 0.97
N PHE B 71 -6.41 -27.13 1.95
CA PHE B 71 -5.10 -26.43 1.84
C PHE B 71 -4.06 -27.21 2.64
N THR B 72 -2.85 -27.34 2.11
CA THR B 72 -1.67 -27.93 2.81
C THR B 72 -0.52 -26.93 2.75
N ILE B 73 0.05 -26.62 3.91
CA ILE B 73 1.26 -25.75 4.01
C ILE B 73 2.48 -26.66 4.16
N SER B 74 3.58 -26.28 3.54
CA SER B 74 4.84 -27.07 3.51
C SER B 74 6.03 -26.12 3.39
N ALA B 75 7.22 -26.65 3.61
CA ALA B 75 8.48 -25.87 3.51
C ALA B 75 9.58 -26.77 2.94
N ASP B 76 10.38 -26.18 2.07
CA ASP B 76 11.67 -26.74 1.57
C ASP B 76 12.79 -25.87 2.14
N THR B 77 13.49 -26.36 3.18
CA THR B 77 14.55 -25.60 3.89
C THR B 77 15.74 -25.38 2.95
N SER B 78 16.04 -26.35 2.08
CA SER B 78 17.12 -26.25 1.06
C SER B 78 16.87 -25.06 0.13
N LYS B 79 15.59 -24.73 -0.15
CA LYS B 79 15.18 -23.60 -1.03
C LYS B 79 14.81 -22.38 -0.20
N ASN B 80 14.79 -22.51 1.13
CA ASN B 80 14.36 -21.45 2.07
C ASN B 80 12.99 -20.91 1.61
N THR B 81 12.10 -21.81 1.21
CA THR B 81 10.77 -21.47 0.61
C THR B 81 9.65 -22.23 1.32
N ALA B 82 8.53 -21.57 1.61
CA ALA B 82 7.30 -22.21 2.11
C ALA B 82 6.27 -22.20 0.99
N TYR B 83 5.36 -23.17 0.99
CA TYR B 83 4.32 -23.33 -0.06
C TYR B 83 2.93 -23.45 0.58
N LEU B 84 1.91 -22.95 -0.13
CA LEU B 84 0.48 -23.24 0.18
C LEU B 84 -0.09 -23.98 -1.03
N GLN B 85 -0.35 -25.27 -0.88
CA GLN B 85 -1.04 -26.11 -1.89
C GLN B 85 -2.54 -25.93 -1.65
N MET B 86 -3.25 -25.32 -2.60
CA MET B 86 -4.69 -25.02 -2.47
C MET B 86 -5.44 -25.93 -3.45
N ASN B 87 -6.26 -26.83 -2.91
CA ASN B 87 -7.05 -27.81 -3.68
C ASN B 87 -8.54 -27.47 -3.47
N SER B 88 -9.41 -28.02 -4.33
CA SER B 88 -10.89 -27.86 -4.25
C SER B 88 -11.23 -26.39 -4.04
N LEU B 89 -10.65 -25.51 -4.86
CA LEU B 89 -10.82 -24.04 -4.69
C LEU B 89 -12.27 -23.65 -4.99
N ARG B 90 -12.77 -22.66 -4.27
CA ARG B 90 -14.15 -22.14 -4.37
C ARG B 90 -14.08 -20.64 -4.56
N ALA B 91 -15.15 -20.05 -5.09
CA ALA B 91 -15.29 -18.58 -5.26
C ALA B 91 -14.83 -17.85 -3.99
N GLU B 92 -15.21 -18.34 -2.80
CA GLU B 92 -14.92 -17.65 -1.51
C GLU B 92 -13.42 -17.69 -1.20
N ASP B 93 -12.60 -18.46 -1.94
CA ASP B 93 -11.13 -18.48 -1.76
C ASP B 93 -10.50 -17.35 -2.60
N THR B 94 -11.27 -16.67 -3.44
CA THR B 94 -10.79 -15.51 -4.22
C THR B 94 -10.31 -14.42 -3.26
N ALA B 95 -9.07 -14.00 -3.37
CA ALA B 95 -8.45 -13.07 -2.40
C ALA B 95 -7.03 -12.75 -2.83
N VAL B 96 -6.48 -11.69 -2.23
N VAL B 96 -6.48 -11.67 -2.26
CA VAL B 96 -5.01 -11.44 -2.23
CA VAL B 96 -5.00 -11.46 -2.24
C VAL B 96 -4.41 -12.29 -1.10
C VAL B 96 -4.44 -12.31 -1.11
N TYR B 97 -3.45 -13.16 -1.43
CA TYR B 97 -2.76 -14.05 -0.48
C TYR B 97 -1.40 -13.46 -0.13
N TYR B 98 -1.17 -13.24 1.16
CA TYR B 98 0.10 -12.76 1.73
C TYR B 98 0.76 -13.91 2.48
N CYS B 99 2.07 -14.03 2.39
CA CYS B 99 2.81 -14.80 3.42
C CYS B 99 3.44 -13.81 4.39
N ALA B 100 3.74 -14.27 5.60
CA ALA B 100 4.33 -13.42 6.66
C ALA B 100 5.19 -14.31 7.56
N ARG B 101 6.19 -13.69 8.15
CA ARG B 101 7.08 -14.34 9.13
C ARG B 101 6.55 -14.08 10.54
N GLY B 102 6.34 -15.14 11.32
CA GLY B 102 5.98 -15.05 12.75
C GLY B 102 7.22 -15.08 13.63
N SER B 103 7.47 -13.98 14.35
CA SER B 103 8.64 -13.78 15.23
C SER B 103 8.18 -13.49 16.66
N SER B 104 9.14 -13.49 17.60
CA SER B 104 8.90 -13.22 19.04
C SER B 104 10.09 -12.45 19.64
N TRP B 105 9.85 -11.74 20.72
CA TRP B 105 10.93 -11.15 21.57
C TRP B 105 10.94 -11.84 22.93
N TYR B 106 9.76 -12.02 23.55
N TYR B 106 9.74 -12.04 23.51
CA TYR B 106 9.63 -12.72 24.86
CA TYR B 106 9.54 -12.60 24.88
C TYR B 106 8.35 -13.55 24.91
C TYR B 106 8.40 -13.61 24.92
N GLY B 107 7.97 -14.17 23.78
CA GLY B 107 6.92 -15.21 23.76
C GLY B 107 5.62 -14.82 23.08
N ALA B 108 5.40 -13.54 22.78
CA ALA B 108 4.24 -13.10 21.95
C ALA B 108 4.56 -13.46 20.51
N HIS B 109 3.59 -13.36 19.63
CA HIS B 109 3.70 -13.84 18.23
C HIS B 109 3.25 -12.71 17.32
N ALA B 110 4.20 -12.07 16.63
CA ALA B 110 3.93 -10.90 15.75
C ALA B 110 4.43 -11.23 14.35
N PHE B 111 3.79 -10.67 13.33
CA PHE B 111 4.14 -10.89 11.91
C PHE B 111 4.97 -9.69 11.46
N ASP B 112 6.30 -9.82 11.48
CA ASP B 112 7.20 -8.64 11.35
C ASP B 112 7.56 -8.40 9.87
N TYR B 113 7.58 -9.43 9.03
CA TYR B 113 7.89 -9.32 7.57
C TYR B 113 6.74 -9.94 6.79
N TRP B 114 6.34 -9.27 5.70
CA TRP B 114 5.21 -9.69 4.83
C TRP B 114 5.68 -9.74 3.38
N GLY B 115 5.24 -10.76 2.65
CA GLY B 115 5.32 -10.75 1.18
C GLY B 115 4.40 -9.69 0.58
N GLN B 116 4.52 -9.46 -0.73
CA GLN B 116 3.89 -8.32 -1.44
C GLN B 116 2.39 -8.61 -1.66
N GLY B 117 1.96 -9.85 -1.49
CA GLY B 117 0.59 -10.29 -1.82
C GLY B 117 0.47 -10.72 -3.28
N THR B 118 -0.28 -11.78 -3.53
CA THR B 118 -0.57 -12.26 -4.90
C THR B 118 -2.06 -12.57 -5.02
N LEU B 119 -2.69 -12.14 -6.12
CA LEU B 119 -4.14 -12.27 -6.34
C LEU B 119 -4.44 -13.69 -6.84
N VAL B 120 -5.30 -14.39 -6.13
CA VAL B 120 -5.91 -15.68 -6.58
C VAL B 120 -7.37 -15.39 -6.96
N THR B 121 -7.72 -15.63 -8.22
CA THR B 121 -9.09 -15.48 -8.73
C THR B 121 -9.64 -16.88 -9.04
N VAL B 122 -10.64 -17.31 -8.29
CA VAL B 122 -11.31 -18.64 -8.52
C VAL B 122 -12.58 -18.38 -9.33
N SER B 123 -12.59 -18.77 -10.60
CA SER B 123 -13.69 -18.41 -11.51
C SER B 123 -13.65 -19.30 -12.76
N SER B 124 -14.80 -19.50 -13.40
CA SER B 124 -14.90 -20.16 -14.72
C SER B 124 -14.97 -19.11 -15.84
N ALA B 125 -14.87 -17.81 -15.52
CA ALA B 125 -14.84 -16.73 -16.52
C ALA B 125 -13.54 -16.79 -17.33
N SER B 126 -13.61 -16.45 -18.61
CA SER B 126 -12.46 -16.41 -19.54
C SER B 126 -11.65 -15.13 -19.31
N THR B 127 -10.33 -15.23 -19.41
CA THR B 127 -9.43 -14.06 -19.56
C THR B 127 -9.89 -13.29 -20.80
N LYS B 128 -10.09 -11.99 -20.65
CA LYS B 128 -10.56 -11.13 -21.75
C LYS B 128 -9.91 -9.75 -21.57
N GLY B 129 -9.34 -9.21 -22.64
CA GLY B 129 -8.79 -7.85 -22.63
C GLY B 129 -9.89 -6.80 -22.71
N PRO B 130 -9.62 -5.57 -22.23
CA PRO B 130 -10.61 -4.50 -22.26
C PRO B 130 -10.80 -3.90 -23.65
N SER B 131 -11.96 -3.29 -23.88
CA SER B 131 -12.12 -2.23 -24.89
C SER B 131 -11.84 -0.90 -24.19
N VAL B 132 -11.16 0.02 -24.88
CA VAL B 132 -10.86 1.35 -24.33
C VAL B 132 -11.65 2.36 -25.16
N PHE B 133 -12.48 3.17 -24.49
CA PHE B 133 -13.34 4.20 -25.12
C PHE B 133 -12.94 5.57 -24.60
N PRO B 134 -12.92 6.61 -25.47
CA PRO B 134 -12.61 7.96 -25.01
C PRO B 134 -13.76 8.56 -24.20
N LEU B 135 -13.42 9.30 -23.14
CA LEU B 135 -14.36 10.20 -22.43
C LEU B 135 -14.00 11.60 -22.91
N ALA B 136 -14.71 12.07 -23.95
CA ALA B 136 -14.33 13.26 -24.75
C ALA B 136 -14.52 14.50 -23.90
N PRO B 137 -13.60 15.49 -23.97
CA PRO B 137 -13.79 16.74 -23.22
C PRO B 137 -15.02 17.49 -23.75
N SER B 138 -15.80 18.09 -22.84
CA SER B 138 -16.99 18.93 -23.15
C SER B 138 -16.53 20.35 -23.50
N GLY B 144 -15.21 28.59 -16.11
CA GLY B 144 -14.51 28.04 -17.28
C GLY B 144 -13.01 27.89 -17.00
N GLY B 145 -12.26 27.43 -18.02
CA GLY B 145 -10.78 27.40 -18.02
C GLY B 145 -10.22 25.99 -18.10
N THR B 146 -10.92 25.02 -17.49
CA THR B 146 -10.42 23.63 -17.26
C THR B 146 -11.40 22.61 -17.87
N ALA B 147 -10.87 21.66 -18.64
CA ALA B 147 -11.67 20.57 -19.26
C ALA B 147 -11.32 19.25 -18.59
N ALA B 148 -12.34 18.38 -18.41
CA ALA B 148 -12.17 16.98 -17.96
C ALA B 148 -12.25 16.06 -19.17
N LEU B 149 -11.34 15.09 -19.23
CA LEU B 149 -11.36 14.02 -20.26
C LEU B 149 -10.84 12.73 -19.65
N GLY B 150 -10.92 11.62 -20.38
CA GLY B 150 -10.59 10.33 -19.77
C GLY B 150 -10.67 9.17 -20.73
N CYS B 151 -10.47 7.98 -20.19
CA CYS B 151 -10.65 6.71 -20.91
C CYS B 151 -11.46 5.78 -20.03
N LEU B 152 -12.46 5.14 -20.63
CA LEU B 152 -13.28 4.06 -20.04
C LEU B 152 -12.64 2.74 -20.49
N VAL B 153 -12.15 1.98 -19.52
CA VAL B 153 -11.47 0.68 -19.75
C VAL B 153 -12.48 -0.40 -19.34
N LYS B 154 -13.19 -0.97 -20.31
CA LYS B 154 -14.42 -1.73 -20.03
C LYS B 154 -14.26 -3.20 -20.42
N ASP B 155 -14.87 -4.08 -19.62
CA ASP B 155 -15.12 -5.51 -19.96
C ASP B 155 -13.80 -6.28 -20.04
N TYR B 156 -13.01 -6.26 -18.95
CA TYR B 156 -11.78 -7.08 -18.86
C TYR B 156 -11.89 -8.06 -17.69
N PHE B 157 -11.09 -9.11 -17.75
CA PHE B 157 -11.01 -10.15 -16.70
C PHE B 157 -9.73 -10.94 -16.88
N PRO B 158 -9.02 -11.34 -15.80
CA PRO B 158 -9.25 -10.84 -14.45
C PRO B 158 -8.60 -9.46 -14.23
N GLU B 159 -8.58 -9.01 -12.98
N GLU B 159 -8.58 -9.01 -12.99
CA GLU B 159 -7.72 -7.90 -12.51
CA GLU B 159 -7.73 -7.86 -12.57
C GLU B 159 -6.28 -8.33 -12.73
C GLU B 159 -6.28 -8.33 -12.72
N PRO B 160 -5.29 -7.40 -12.84
CA PRO B 160 -5.56 -5.96 -12.91
C PRO B 160 -5.28 -5.28 -14.26
N VAL B 161 -5.66 -4.01 -14.36
N VAL B 161 -5.65 -4.01 -14.35
CA VAL B 161 -5.22 -3.14 -15.50
CA VAL B 161 -5.26 -3.12 -15.48
C VAL B 161 -4.45 -1.96 -14.91
C VAL B 161 -4.46 -1.96 -14.91
N THR B 162 -3.53 -1.42 -15.71
CA THR B 162 -2.80 -0.15 -15.42
C THR B 162 -3.15 0.89 -16.47
N VAL B 163 -3.17 2.15 -16.05
CA VAL B 163 -3.44 3.30 -16.96
C VAL B 163 -2.40 4.39 -16.66
N SER B 164 -1.72 4.85 -17.71
CA SER B 164 -0.91 6.08 -17.67
C SER B 164 -1.45 7.06 -18.71
N TRP B 165 -0.97 8.30 -18.66
CA TRP B 165 -1.31 9.35 -19.65
C TRP B 165 -0.01 9.87 -20.28
N ASN B 166 0.00 9.97 -21.61
CA ASN B 166 1.14 10.48 -22.41
C ASN B 166 2.43 9.77 -21.99
N SER B 167 2.33 8.43 -21.86
CA SER B 167 3.42 7.51 -21.47
C SER B 167 4.04 7.90 -20.12
N GLY B 168 3.27 8.51 -19.22
CA GLY B 168 3.69 8.83 -17.85
C GLY B 168 4.08 10.28 -17.70
N ALA B 169 4.12 11.05 -18.79
CA ALA B 169 4.51 12.47 -18.82
C ALA B 169 3.43 13.33 -18.16
N LEU B 170 2.16 12.95 -18.28
CA LEU B 170 1.04 13.67 -17.65
C LEU B 170 0.59 12.95 -16.38
N THR B 171 0.67 13.62 -15.23
CA THR B 171 0.28 13.07 -13.90
C THR B 171 -0.56 14.06 -13.10
N SER B 172 -0.35 15.37 -13.28
CA SER B 172 -1.16 16.43 -12.62
C SER B 172 -2.63 16.24 -12.99
N GLY B 173 -3.51 16.17 -11.98
CA GLY B 173 -4.98 16.10 -12.18
C GLY B 173 -5.46 14.73 -12.65
N VAL B 174 -4.60 13.69 -12.67
CA VAL B 174 -5.04 12.34 -13.09
C VAL B 174 -5.72 11.64 -11.91
N HIS B 175 -6.89 11.05 -12.14
CA HIS B 175 -7.55 10.16 -11.16
C HIS B 175 -7.93 8.87 -11.86
N THR B 176 -7.28 7.76 -11.49
CA THR B 176 -7.61 6.42 -12.02
C THR B 176 -8.42 5.69 -10.95
N PHE B 177 -9.68 5.42 -11.24
CA PHE B 177 -10.66 4.85 -10.27
C PHE B 177 -10.35 3.37 -10.04
N PRO B 178 -10.62 2.87 -8.81
CA PRO B 178 -10.57 1.43 -8.56
C PRO B 178 -11.51 0.72 -9.55
N ALA B 179 -11.12 -0.48 -10.00
CA ALA B 179 -11.98 -1.35 -10.82
C ALA B 179 -13.28 -1.61 -10.07
N VAL B 180 -14.36 -1.71 -10.81
CA VAL B 180 -15.68 -2.16 -10.31
C VAL B 180 -16.03 -3.46 -11.05
N LEU B 181 -16.44 -4.48 -10.32
CA LEU B 181 -17.02 -5.70 -10.92
C LEU B 181 -18.42 -5.34 -11.40
N GLN B 182 -18.65 -5.37 -12.71
CA GLN B 182 -20.00 -5.13 -13.31
C GLN B 182 -20.87 -6.35 -12.97
N SER B 183 -22.18 -6.21 -13.06
CA SER B 183 -23.14 -7.33 -12.83
C SER B 183 -22.79 -8.51 -13.74
N SER B 184 -22.24 -8.22 -14.92
CA SER B 184 -21.85 -9.25 -15.94
C SER B 184 -20.74 -10.16 -15.45
N GLY B 185 -19.97 -9.73 -14.45
CA GLY B 185 -18.79 -10.48 -13.95
C GLY B 185 -17.50 -10.03 -14.62
N LEU B 186 -17.56 -9.02 -15.50
CA LEU B 186 -16.36 -8.40 -16.11
C LEU B 186 -16.08 -7.08 -15.39
N TYR B 187 -14.81 -6.71 -15.29
CA TYR B 187 -14.40 -5.47 -14.61
C TYR B 187 -14.49 -4.32 -15.60
N SER B 188 -14.71 -3.12 -15.07
N SER B 188 -14.60 -3.11 -15.04
CA SER B 188 -14.47 -1.85 -15.81
CA SER B 188 -14.53 -1.85 -15.80
C SER B 188 -13.84 -0.84 -14.85
C SER B 188 -13.98 -0.75 -14.87
N LEU B 189 -13.20 0.18 -15.41
CA LEU B 189 -12.79 1.39 -14.66
C LEU B 189 -12.56 2.53 -15.64
N SER B 190 -12.60 3.74 -15.12
CA SER B 190 -12.31 4.96 -15.87
C SER B 190 -11.06 5.59 -15.27
N SER B 191 -10.29 6.23 -16.13
CA SER B 191 -9.19 7.13 -15.74
C SER B 191 -9.52 8.49 -16.33
N VAL B 192 -9.46 9.55 -15.52
CA VAL B 192 -9.82 10.91 -15.96
C VAL B 192 -8.68 11.87 -15.64
N VAL B 193 -8.68 13.01 -16.30
CA VAL B 193 -7.65 14.05 -16.05
C VAL B 193 -8.29 15.40 -16.33
N THR B 194 -7.94 16.41 -15.54
CA THR B 194 -8.33 17.83 -15.77
C THR B 194 -7.12 18.55 -16.36
N VAL B 195 -7.33 19.31 -17.43
CA VAL B 195 -6.25 20.02 -18.19
C VAL B 195 -6.78 21.40 -18.58
N PRO B 196 -5.90 22.37 -18.88
CA PRO B 196 -6.33 23.65 -19.45
C PRO B 196 -7.09 23.43 -20.76
N SER B 197 -8.26 24.06 -20.90
CA SER B 197 -9.07 24.12 -22.16
C SER B 197 -8.22 24.60 -23.33
N SER B 198 -7.36 25.59 -23.13
CA SER B 198 -6.49 26.21 -24.16
C SER B 198 -5.58 25.16 -24.82
N SER B 199 -5.22 24.09 -24.08
CA SER B 199 -4.32 23.01 -24.54
C SER B 199 -5.04 22.03 -25.49
N LEU B 200 -6.39 22.03 -25.50
CA LEU B 200 -7.20 21.01 -26.24
C LEU B 200 -6.88 21.07 -27.75
N GLY B 201 -6.68 22.26 -28.32
CA GLY B 201 -6.31 22.40 -29.74
C GLY B 201 -4.92 21.85 -30.02
N THR B 202 -3.99 22.02 -29.08
CA THR B 202 -2.52 21.93 -29.31
C THR B 202 -1.94 20.65 -28.70
N GLN B 203 -2.23 20.38 -27.42
CA GLN B 203 -1.64 19.25 -26.64
C GLN B 203 -2.41 17.95 -26.95
N THR B 204 -1.71 16.87 -27.27
CA THR B 204 -2.30 15.52 -27.49
C THR B 204 -2.46 14.82 -26.12
N TYR B 205 -3.58 14.15 -25.90
CA TYR B 205 -3.85 13.33 -24.70
C TYR B 205 -4.11 11.88 -25.14
N ILE B 206 -3.24 10.98 -24.69
CA ILE B 206 -3.32 9.53 -25.00
C ILE B 206 -3.30 8.76 -23.68
N CYS B 207 -4.30 7.93 -23.41
CA CYS B 207 -4.25 7.02 -22.24
C CYS B 207 -3.56 5.73 -22.70
N ASN B 208 -2.59 5.27 -21.90
CA ASN B 208 -1.81 4.04 -22.17
C ASN B 208 -2.38 2.95 -21.25
N VAL B 209 -3.10 1.98 -21.81
CA VAL B 209 -3.78 0.92 -21.02
C VAL B 209 -2.99 -0.39 -21.16
N ASN B 210 -2.75 -1.08 -20.04
CA ASN B 210 -2.11 -2.42 -20.08
C ASN B 210 -2.93 -3.36 -19.20
N HIS B 211 -3.44 -4.41 -19.82
CA HIS B 211 -4.05 -5.57 -19.14
C HIS B 211 -3.08 -6.75 -19.32
N LYS B 212 -2.13 -6.90 -18.40
CA LYS B 212 -1.10 -7.93 -18.51
C LYS B 212 -1.72 -9.32 -18.60
N PRO B 213 -2.79 -9.67 -17.84
CA PRO B 213 -3.34 -11.02 -17.91
C PRO B 213 -3.74 -11.50 -19.31
N SER B 214 -4.17 -10.58 -20.18
CA SER B 214 -4.56 -10.90 -21.58
C SER B 214 -3.53 -10.41 -22.60
N ASN B 215 -2.37 -9.91 -22.18
CA ASN B 215 -1.35 -9.38 -23.12
C ASN B 215 -1.95 -8.25 -23.97
N THR B 216 -2.84 -7.43 -23.41
CA THR B 216 -3.53 -6.35 -24.15
C THR B 216 -2.91 -4.99 -23.78
N LYS B 217 -2.21 -4.37 -24.73
CA LYS B 217 -1.74 -2.96 -24.64
C LYS B 217 -2.49 -2.13 -25.67
N VAL B 218 -3.14 -1.06 -25.21
CA VAL B 218 -3.91 -0.11 -26.05
C VAL B 218 -3.46 1.32 -25.74
N ASP B 219 -3.21 2.13 -26.77
CA ASP B 219 -3.03 3.60 -26.65
C ASP B 219 -4.23 4.26 -27.35
N LYS B 220 -5.05 4.98 -26.60
CA LYS B 220 -6.27 5.66 -27.14
C LYS B 220 -6.07 7.17 -27.10
N LYS B 221 -6.05 7.81 -28.26
CA LYS B 221 -6.03 9.29 -28.36
C LYS B 221 -7.42 9.79 -27.97
N VAL B 222 -7.51 10.73 -27.02
CA VAL B 222 -8.79 11.33 -26.57
C VAL B 222 -8.89 12.75 -27.16
N GLU B 223 -9.80 12.96 -28.12
N GLU B 223 -9.79 12.96 -28.13
CA GLU B 223 -9.99 14.24 -28.85
CA GLU B 223 -9.98 14.25 -28.84
C GLU B 223 -11.36 14.83 -28.49
C GLU B 223 -11.35 14.83 -28.50
N PRO B 224 -11.52 16.18 -28.55
CA PRO B 224 -12.82 16.81 -28.31
C PRO B 224 -13.90 16.49 -29.37
N ASP C 5 -12.73 -20.12 22.20
CA ASP C 5 -11.72 -19.46 21.33
C ASP C 5 -11.66 -17.96 21.66
N ILE C 6 -10.45 -17.39 21.62
CA ILE C 6 -10.17 -15.95 21.86
C ILE C 6 -10.85 -15.14 20.75
N GLN C 7 -11.53 -14.04 21.11
CA GLN C 7 -11.99 -12.99 20.17
C GLN C 7 -11.29 -11.68 20.52
N MET C 8 -10.82 -10.97 19.50
CA MET C 8 -10.30 -9.58 19.58
C MET C 8 -11.34 -8.68 18.89
N THR C 9 -12.10 -7.94 19.68
CA THR C 9 -13.17 -7.01 19.22
C THR C 9 -12.60 -5.59 19.14
N GLN C 10 -12.44 -5.06 17.94
CA GLN C 10 -11.91 -3.68 17.71
C GLN C 10 -13.05 -2.67 17.71
N SER C 11 -12.78 -1.45 18.19
CA SER C 11 -13.74 -0.32 18.18
C SER C 11 -12.98 1.01 18.14
N PRO C 12 -13.45 2.02 17.37
CA PRO C 12 -14.63 1.87 16.52
C PRO C 12 -14.30 1.07 15.24
N SER C 13 -15.32 0.69 14.46
CA SER C 13 -15.14 0.01 13.15
C SER C 13 -14.55 1.00 12.12
N SER C 14 -14.84 2.29 12.29
CA SER C 14 -14.31 3.37 11.42
C SER C 14 -14.30 4.69 12.19
N LEU C 15 -13.41 5.60 11.82
CA LEU C 15 -13.40 6.94 12.45
C LEU C 15 -12.77 7.95 11.49
N SER C 16 -13.29 9.17 11.54
CA SER C 16 -12.76 10.38 10.88
C SER C 16 -12.10 11.24 11.94
N ALA C 17 -10.88 11.72 11.68
CA ALA C 17 -10.14 12.64 12.56
C ALA C 17 -9.29 13.58 11.72
N SER C 18 -9.15 14.83 12.16
CA SER C 18 -8.42 15.90 11.41
C SER C 18 -6.92 15.74 11.65
N VAL C 19 -6.10 16.23 10.70
CA VAL C 19 -4.62 16.29 10.85
C VAL C 19 -4.31 16.98 12.18
N GLY C 20 -3.49 16.35 13.03
CA GLY C 20 -3.05 16.92 14.32
C GLY C 20 -3.87 16.39 15.49
N ASP C 21 -5.00 15.72 15.22
CA ASP C 21 -5.87 15.12 16.27
C ASP C 21 -5.18 13.88 16.87
N ARG C 22 -5.44 13.63 18.15
CA ARG C 22 -5.05 12.39 18.87
C ARG C 22 -6.10 11.33 18.56
N VAL C 23 -5.69 10.19 17.99
CA VAL C 23 -6.61 9.07 17.63
C VAL C 23 -6.37 7.90 18.59
N THR C 24 -7.46 7.28 19.05
CA THR C 24 -7.45 6.14 20.01
C THR C 24 -8.29 5.00 19.43
N ILE C 25 -7.64 3.90 19.04
CA ILE C 25 -8.29 2.65 18.57
C ILE C 25 -8.18 1.61 19.69
N THR C 26 -9.30 0.95 19.98
CA THR C 26 -9.47 0.00 21.10
C THR C 26 -9.60 -1.42 20.55
N CYS C 27 -9.00 -2.38 21.25
CA CYS C 27 -9.07 -3.82 20.92
C CYS C 27 -9.29 -4.61 22.22
N ARG C 28 -10.43 -5.27 22.35
CA ARG C 28 -10.85 -5.98 23.58
C ARG C 28 -10.71 -7.49 23.37
N ALA C 29 -9.90 -8.17 24.19
CA ALA C 29 -9.76 -9.64 24.20
C ALA C 29 -10.90 -10.25 25.02
N SER C 30 -11.49 -11.35 24.55
CA SER C 30 -12.68 -12.00 25.16
C SER C 30 -12.30 -12.63 26.52
N GLN C 31 -11.01 -12.96 26.69
CA GLN C 31 -10.42 -13.40 27.98
C GLN C 31 -8.97 -12.91 28.02
N SER C 32 -8.29 -13.13 29.16
CA SER C 32 -6.88 -12.68 29.37
C SER C 32 -6.00 -13.29 28.29
N VAL C 33 -5.17 -12.46 27.64
CA VAL C 33 -4.17 -12.87 26.63
C VAL C 33 -2.81 -12.26 27.02
N SER C 34 -2.63 -12.01 28.33
CA SER C 34 -1.45 -11.31 28.88
C SER C 34 -1.25 -10.03 28.05
N SER C 35 -0.03 -9.76 27.60
CA SER C 35 0.32 -8.59 26.74
C SER C 35 0.68 -9.07 25.33
N ALA C 36 0.24 -10.28 24.95
CA ALA C 36 0.63 -10.94 23.68
C ALA C 36 -0.22 -10.41 22.50
N VAL C 37 -0.12 -9.11 22.22
CA VAL C 37 -0.94 -8.41 21.19
C VAL C 37 -0.01 -7.56 20.33
N ALA C 38 -0.24 -7.56 19.03
CA ALA C 38 0.47 -6.71 18.06
C ALA C 38 -0.53 -5.81 17.32
N TRP C 39 -0.04 -4.69 16.80
CA TRP C 39 -0.85 -3.74 15.99
C TRP C 39 -0.22 -3.62 14.62
N TYR C 40 -1.04 -3.56 13.58
CA TYR C 40 -0.62 -3.37 12.18
C TYR C 40 -1.33 -2.17 11.53
N GLN C 41 -0.66 -1.57 10.56
CA GLN C 41 -1.24 -0.57 9.62
C GLN C 41 -1.32 -1.22 8.24
N GLN C 42 -2.48 -1.16 7.59
CA GLN C 42 -2.62 -1.69 6.21
C GLN C 42 -3.24 -0.64 5.30
N LYS C 43 -2.46 -0.16 4.33
CA LYS C 43 -2.99 0.61 3.17
C LYS C 43 -3.80 -0.34 2.30
N PRO C 44 -4.89 0.11 1.64
CA PRO C 44 -5.70 -0.79 0.83
C PRO C 44 -4.89 -1.58 -0.21
N GLY C 45 -5.08 -2.90 -0.24
CA GLY C 45 -4.46 -3.81 -1.23
C GLY C 45 -2.96 -3.93 -1.05
N LYS C 46 -2.40 -3.49 0.08
CA LYS C 46 -0.94 -3.52 0.36
C LYS C 46 -0.65 -4.40 1.57
N ALA C 47 0.58 -4.91 1.66
CA ALA C 47 1.11 -5.69 2.80
C ALA C 47 0.89 -4.88 4.07
N PRO C 48 0.29 -5.48 5.12
CA PRO C 48 0.26 -4.86 6.43
C PRO C 48 1.70 -4.59 6.93
N LYS C 49 1.85 -3.52 7.73
N LYS C 49 1.83 -3.56 7.77
CA LYS C 49 3.11 -3.15 8.42
CA LYS C 49 3.10 -3.13 8.41
C LYS C 49 2.94 -3.32 9.93
C LYS C 49 2.97 -3.27 9.94
N LEU C 50 3.88 -4.01 10.57
CA LEU C 50 3.90 -4.18 12.04
C LEU C 50 4.24 -2.83 12.68
N LEU C 51 3.39 -2.35 13.57
CA LEU C 51 3.58 -1.08 14.33
C LEU C 51 4.10 -1.38 15.74
N ILE C 52 3.44 -2.31 16.43
N ILE C 52 3.41 -2.28 16.45
CA ILE C 52 3.62 -2.54 17.89
CA ILE C 52 3.56 -2.54 17.90
C ILE C 52 3.61 -4.05 18.14
C ILE C 52 3.61 -4.05 18.12
N TYR C 53 4.60 -4.53 18.89
CA TYR C 53 4.68 -5.94 19.36
C TYR C 53 4.63 -5.94 20.88
N SER C 54 4.12 -7.02 21.45
CA SER C 54 4.08 -7.24 22.92
C SER C 54 3.36 -6.05 23.60
N ALA C 55 2.26 -5.59 22.99
CA ALA C 55 1.27 -4.61 23.50
C ALA C 55 1.79 -3.17 23.41
N SER C 56 3.08 -2.91 23.70
CA SER C 56 3.59 -1.54 23.94
C SER C 56 4.96 -1.27 23.32
N SER C 57 5.61 -2.24 22.67
CA SER C 57 6.95 -2.04 22.08
C SER C 57 6.82 -1.57 20.63
N LEU C 58 7.51 -0.47 20.29
CA LEU C 58 7.52 0.10 18.92
C LEU C 58 8.46 -0.75 18.05
N TYR C 59 7.99 -1.27 16.92
CA TYR C 59 8.83 -2.01 15.96
C TYR C 59 9.72 -1.00 15.24
N SER C 60 10.79 -1.46 14.58
CA SER C 60 11.69 -0.59 13.75
C SER C 60 10.89 -0.01 12.57
N GLY C 61 11.27 1.18 12.11
CA GLY C 61 10.68 1.89 10.97
C GLY C 61 9.33 2.53 11.28
N VAL C 62 8.96 2.66 12.57
CA VAL C 62 7.63 3.18 13.00
C VAL C 62 7.79 4.55 13.65
N PRO C 63 7.15 5.62 13.11
CA PRO C 63 7.24 6.95 13.73
C PRO C 63 6.71 6.98 15.17
N SER C 64 7.20 7.94 15.96
CA SER C 64 7.01 8.07 17.43
C SER C 64 5.55 8.34 17.79
N ARG C 65 4.75 8.84 16.84
CA ARG C 65 3.34 9.24 17.10
C ARG C 65 2.49 7.99 17.38
N PHE C 66 2.99 6.81 17.00
CA PHE C 66 2.35 5.49 17.27
C PHE C 66 2.83 4.96 18.62
N SER C 67 1.89 4.53 19.46
CA SER C 67 2.14 3.92 20.79
C SER C 67 1.03 2.92 21.09
N GLY C 68 1.32 1.93 21.93
CA GLY C 68 0.36 0.91 22.36
C GLY C 68 0.35 0.79 23.87
N SER C 69 -0.81 0.49 24.45
CA SER C 69 -0.95 0.25 25.91
C SER C 69 -1.95 -0.88 26.15
N ARG C 70 -1.91 -1.41 27.36
CA ARG C 70 -2.78 -2.53 27.82
C ARG C 70 -3.36 -2.13 29.18
N SER C 71 -4.66 -2.33 29.37
CA SER C 71 -5.35 -2.34 30.69
C SER C 71 -6.19 -3.62 30.77
N GLY C 72 -5.69 -4.65 31.45
CA GLY C 72 -6.34 -5.96 31.52
C GLY C 72 -6.48 -6.57 30.13
N THR C 73 -7.72 -6.72 29.66
CA THR C 73 -8.04 -7.32 28.32
C THR C 73 -8.26 -6.23 27.27
N ASP C 74 -8.10 -4.95 27.62
CA ASP C 74 -8.37 -3.80 26.72
C ASP C 74 -7.04 -3.27 26.18
N PHE C 75 -6.81 -3.38 24.86
CA PHE C 75 -5.57 -2.91 24.18
C PHE C 75 -5.88 -1.67 23.38
N THR C 76 -5.03 -0.65 23.49
CA THR C 76 -5.22 0.67 22.86
C THR C 76 -4.04 0.99 21.94
N LEU C 77 -4.32 1.28 20.68
CA LEU C 77 -3.36 1.95 19.77
C LEU C 77 -3.66 3.44 19.79
N THR C 78 -2.63 4.27 19.99
CA THR C 78 -2.76 5.74 20.07
C THR C 78 -1.90 6.39 18.97
N ILE C 79 -2.51 7.24 18.16
CA ILE C 79 -1.76 8.15 17.23
C ILE C 79 -1.86 9.55 17.85
N SER C 80 -0.74 10.07 18.36
CA SER C 80 -0.68 11.27 19.21
C SER C 80 -1.08 12.51 18.41
N SER C 81 -0.66 12.56 17.14
CA SER C 81 -0.93 13.67 16.20
C SER C 81 -1.08 13.13 14.77
N LEU C 82 -2.33 12.90 14.33
CA LEU C 82 -2.65 12.26 13.03
C LEU C 82 -2.03 13.07 11.88
N GLN C 83 -1.50 12.37 10.88
CA GLN C 83 -0.87 12.95 9.67
C GLN C 83 -1.70 12.54 8.45
N PRO C 84 -1.68 13.31 7.35
CA PRO C 84 -2.59 13.08 6.23
C PRO C 84 -2.42 11.70 5.56
N GLU C 85 -1.23 11.11 5.70
CA GLU C 85 -0.88 9.79 5.09
C GLU C 85 -1.31 8.63 5.99
N ASP C 86 -1.97 8.91 7.12
CA ASP C 86 -2.24 7.87 8.17
C ASP C 86 -3.57 7.17 7.89
N PHE C 87 -4.30 7.55 6.84
CA PHE C 87 -5.54 6.82 6.49
C PHE C 87 -5.11 5.38 6.17
N ALA C 88 -5.82 4.43 6.75
CA ALA C 88 -5.52 2.98 6.60
C ALA C 88 -6.53 2.20 7.43
N THR C 89 -6.49 0.87 7.32
CA THR C 89 -7.17 -0.02 8.29
C THR C 89 -6.08 -0.49 9.26
N TYR C 90 -6.33 -0.31 10.56
CA TYR C 90 -5.43 -0.71 11.67
C TYR C 90 -6.03 -1.97 12.29
N TYR C 91 -5.18 -2.97 12.47
CA TYR C 91 -5.57 -4.29 13.03
C TYR C 91 -4.79 -4.55 14.31
N CYS C 92 -5.48 -5.08 15.31
CA CYS C 92 -4.83 -5.75 16.44
C CYS C 92 -4.79 -7.25 16.13
N GLN C 93 -3.91 -7.97 16.81
CA GLN C 93 -3.71 -9.43 16.59
C GLN C 93 -3.13 -10.02 17.87
N GLN C 94 -3.70 -11.13 18.34
CA GLN C 94 -3.25 -11.85 19.54
C GLN C 94 -2.55 -13.13 19.10
N GLY C 95 -1.51 -13.51 19.83
CA GLY C 95 -0.84 -14.80 19.57
C GLY C 95 0.30 -15.01 20.54
N TYR C 96 0.43 -16.25 20.99
CA TYR C 96 1.63 -16.78 21.72
C TYR C 96 2.52 -17.56 20.76
N TYR C 97 3.82 -17.64 21.04
CA TYR C 97 4.81 -18.36 20.19
C TYR C 97 4.78 -19.86 20.46
N TYR C 98 4.12 -20.29 21.54
CA TYR C 98 3.96 -21.73 21.89
C TYR C 98 3.37 -22.48 20.69
N ALA C 99 3.95 -23.62 20.33
CA ALA C 99 3.49 -24.51 19.25
C ALA C 99 1.96 -24.70 19.32
N TYR C 100 1.31 -24.58 18.17
CA TYR C 100 -0.14 -24.83 17.92
C TYR C 100 -1.03 -23.78 18.59
N SER C 101 -0.47 -22.68 19.10
CA SER C 101 -1.25 -21.50 19.57
C SER C 101 -2.13 -20.98 18.44
N LEU C 102 -3.31 -20.44 18.76
CA LEU C 102 -4.23 -19.84 17.76
C LEU C 102 -3.86 -18.37 17.55
N ILE C 103 -3.89 -17.91 16.30
CA ILE C 103 -3.69 -16.49 15.89
C ILE C 103 -5.08 -15.90 15.69
N THR C 104 -5.38 -14.78 16.35
CA THR C 104 -6.70 -14.10 16.26
C THR C 104 -6.46 -12.66 15.83
N PHE C 105 -6.93 -12.28 14.63
CA PHE C 105 -6.92 -10.87 14.19
C PHE C 105 -8.20 -10.16 14.64
N GLY C 106 -8.10 -8.86 14.91
CA GLY C 106 -9.27 -7.97 15.02
C GLY C 106 -9.91 -7.72 13.67
N GLN C 107 -11.12 -7.16 13.65
CA GLN C 107 -11.87 -6.98 12.37
C GLN C 107 -11.40 -5.71 11.67
N GLY C 108 -10.56 -4.91 12.34
CA GLY C 108 -9.95 -3.71 11.75
C GLY C 108 -10.71 -2.46 12.08
N THR C 109 -10.01 -1.33 12.08
CA THR C 109 -10.55 0.03 12.29
C THR C 109 -10.07 0.87 11.12
N LYS C 110 -11.00 1.32 10.27
CA LYS C 110 -10.67 2.17 9.11
C LYS C 110 -10.63 3.62 9.56
N VAL C 111 -9.46 4.24 9.39
CA VAL C 111 -9.16 5.63 9.80
C VAL C 111 -9.21 6.50 8.54
N GLU C 112 -10.08 7.49 8.58
CA GLU C 112 -10.33 8.48 7.50
C GLU C 112 -9.79 9.82 8.00
N ILE C 113 -9.17 10.62 7.13
CA ILE C 113 -8.72 12.01 7.45
C ILE C 113 -9.89 12.98 7.25
N LYS C 114 -10.25 13.68 8.32
CA LYS C 114 -11.29 14.74 8.31
C LYS C 114 -10.64 16.05 7.85
N ARG C 115 -11.36 16.82 7.04
CA ARG C 115 -10.90 18.15 6.55
C ARG C 115 -12.14 19.02 6.32
N THR C 116 -11.90 20.31 6.02
N THR C 116 -11.89 20.29 5.99
N THR C 116 -11.91 20.29 5.93
CA THR C 116 -12.97 21.32 5.76
CA THR C 116 -12.90 21.32 5.61
CA THR C 116 -12.99 21.27 5.63
C THR C 116 -13.70 20.92 4.48
C THR C 116 -13.73 20.77 4.43
C THR C 116 -13.76 20.80 4.39
N VAL C 117 -15.04 20.94 4.51
N VAL C 117 -15.05 20.95 4.48
CA VAL C 117 -15.93 20.51 3.40
CA VAL C 117 -15.98 20.56 3.39
C VAL C 117 -15.45 21.15 2.10
C VAL C 117 -15.45 21.17 2.09
N ALA C 118 -15.43 20.38 1.01
CA ALA C 118 -15.05 20.81 -0.36
C ALA C 118 -16.11 20.30 -1.32
N ALA C 119 -16.75 21.17 -2.09
CA ALA C 119 -17.78 20.80 -3.08
C ALA C 119 -17.10 20.11 -4.26
N PRO C 120 -17.72 19.09 -4.86
CA PRO C 120 -17.18 18.48 -6.07
C PRO C 120 -17.38 19.41 -7.27
N SER C 121 -16.44 19.40 -8.21
CA SER C 121 -16.71 19.88 -9.59
C SER C 121 -17.28 18.68 -10.35
N VAL C 122 -18.30 18.90 -11.18
CA VAL C 122 -19.07 17.77 -11.79
C VAL C 122 -18.94 17.87 -13.31
N PHE C 123 -18.73 16.72 -13.95
CA PHE C 123 -18.61 16.57 -15.42
C PHE C 123 -19.44 15.36 -15.84
N ILE C 124 -20.06 15.45 -17.02
CA ILE C 124 -20.78 14.31 -17.64
C ILE C 124 -20.13 14.00 -18.99
N PHE C 125 -20.11 12.72 -19.35
CA PHE C 125 -19.51 12.19 -20.60
C PHE C 125 -20.50 11.28 -21.28
N PRO C 126 -20.92 11.59 -22.52
CA PRO C 126 -21.75 10.69 -23.30
C PRO C 126 -20.98 9.44 -23.68
N PRO C 127 -21.66 8.36 -24.08
CA PRO C 127 -20.96 7.23 -24.69
C PRO C 127 -20.28 7.65 -25.99
N SER C 128 -19.08 7.12 -26.21
CA SER C 128 -18.28 7.30 -27.45
C SER C 128 -19.01 6.62 -28.62
N ASP C 129 -18.81 7.11 -29.84
CA ASP C 129 -19.34 6.48 -31.08
C ASP C 129 -18.79 5.05 -31.19
N SER C 130 -17.50 4.86 -30.87
CA SER C 130 -16.83 3.53 -30.92
C SER C 130 -17.57 2.55 -30.00
N GLN C 131 -17.94 2.96 -28.79
CA GLN C 131 -18.67 2.04 -27.87
C GLN C 131 -20.05 1.73 -28.45
N LEU C 132 -20.77 2.75 -28.94
CA LEU C 132 -22.12 2.56 -29.54
C LEU C 132 -22.03 1.59 -30.73
N LYS C 133 -21.01 1.74 -31.56
CA LYS C 133 -20.73 0.82 -32.72
C LYS C 133 -20.56 -0.60 -32.19
N SER C 134 -19.86 -0.78 -31.06
CA SER C 134 -19.62 -2.10 -30.40
C SER C 134 -20.91 -2.66 -29.80
N GLY C 135 -21.93 -1.81 -29.59
CA GLY C 135 -23.31 -2.22 -29.26
C GLY C 135 -23.66 -2.07 -27.79
N THR C 136 -23.00 -1.19 -27.04
CA THR C 136 -23.34 -0.86 -25.62
C THR C 136 -23.24 0.66 -25.41
N ALA C 137 -23.82 1.16 -24.32
CA ALA C 137 -23.78 2.59 -23.97
C ALA C 137 -23.42 2.73 -22.49
N SER C 138 -22.33 3.43 -22.20
CA SER C 138 -21.92 3.82 -20.83
C SER C 138 -21.93 5.35 -20.77
N VAL C 139 -22.65 5.89 -19.78
CA VAL C 139 -22.67 7.35 -19.50
C VAL C 139 -21.92 7.54 -18.19
N VAL C 140 -20.97 8.46 -18.16
CA VAL C 140 -20.07 8.62 -16.99
C VAL C 140 -20.23 10.01 -16.42
N CYS C 141 -20.48 10.05 -15.11
N CYS C 141 -20.45 10.06 -15.10
CA CYS C 141 -20.51 11.30 -14.32
CA CYS C 141 -20.56 11.30 -14.28
C CYS C 141 -19.28 11.31 -13.40
C CYS C 141 -19.35 11.35 -13.33
N LEU C 142 -18.55 12.41 -13.39
CA LEU C 142 -17.34 12.58 -12.55
C LEU C 142 -17.59 13.66 -11.51
N LEU C 143 -17.34 13.31 -10.23
CA LEU C 143 -17.33 14.26 -9.09
C LEU C 143 -15.87 14.39 -8.68
N ASN C 144 -15.26 15.56 -8.87
CA ASN C 144 -13.79 15.74 -8.67
C ASN C 144 -13.51 16.49 -7.37
N ASN C 145 -12.60 15.94 -6.54
CA ASN C 145 -11.86 16.63 -5.44
C ASN C 145 -12.81 17.19 -4.39
N PHE C 146 -13.54 16.33 -3.71
CA PHE C 146 -14.57 16.75 -2.74
C PHE C 146 -14.33 16.10 -1.38
N TYR C 147 -14.97 16.68 -0.37
CA TYR C 147 -15.01 16.15 1.01
C TYR C 147 -16.27 16.70 1.67
N PRO C 148 -17.07 15.87 2.37
CA PRO C 148 -16.78 14.44 2.60
C PRO C 148 -17.10 13.45 1.49
N ARG C 149 -16.74 12.19 1.75
N ARG C 149 -16.76 12.17 1.71
CA ARG C 149 -16.90 11.01 0.85
CA ARG C 149 -16.91 11.10 0.69
C ARG C 149 -18.35 10.88 0.37
C ARG C 149 -18.39 10.90 0.33
N GLU C 150 -19.31 11.13 1.26
CA GLU C 150 -20.77 10.85 1.07
C GLU C 150 -21.29 11.80 -0.01
N ALA C 151 -21.93 11.25 -1.04
CA ALA C 151 -22.59 12.01 -2.13
C ALA C 151 -23.75 11.19 -2.67
N LYS C 152 -24.80 11.88 -3.09
CA LYS C 152 -25.94 11.26 -3.79
C LYS C 152 -25.80 11.65 -5.26
N VAL C 153 -25.60 10.65 -6.11
CA VAL C 153 -25.58 10.86 -7.59
C VAL C 153 -26.82 10.16 -8.15
N GLN C 154 -27.80 10.93 -8.63
CA GLN C 154 -29.02 10.40 -9.30
C GLN C 154 -28.90 10.60 -10.81
N TRP C 155 -29.21 9.56 -11.56
CA TRP C 155 -29.35 9.62 -13.03
C TRP C 155 -30.82 9.88 -13.40
N LYS C 156 -31.02 10.77 -14.34
CA LYS C 156 -32.34 11.01 -14.96
C LYS C 156 -32.18 10.86 -16.48
N VAL C 157 -33.12 10.15 -17.10
CA VAL C 157 -33.18 9.99 -18.58
C VAL C 157 -34.55 10.50 -19.04
N ASP C 158 -34.57 11.57 -19.82
CA ASP C 158 -35.83 12.34 -20.10
C ASP C 158 -36.60 12.58 -18.80
N ASN C 159 -35.89 13.02 -17.75
N ASN C 159 -35.88 13.01 -17.74
CA ASN C 159 -36.41 13.45 -16.41
CA ASN C 159 -36.43 13.44 -16.42
C ASN C 159 -36.94 12.26 -15.59
C ASN C 159 -36.95 12.25 -15.60
N ALA C 160 -36.81 11.03 -16.10
CA ALA C 160 -37.21 9.79 -15.40
C ALA C 160 -36.04 9.31 -14.51
N LEU C 161 -36.25 9.23 -13.20
CA LEU C 161 -35.25 8.74 -12.22
C LEU C 161 -34.85 7.31 -12.58
N GLN C 162 -33.55 7.00 -12.57
CA GLN C 162 -33.03 5.64 -12.84
C GLN C 162 -32.74 4.94 -11.50
N SER C 163 -32.89 3.61 -11.45
N SER C 163 -32.87 3.62 -11.50
CA SER C 163 -32.53 2.79 -10.27
CA SER C 163 -32.61 2.72 -10.34
C SER C 163 -31.94 1.46 -10.74
C SER C 163 -31.86 1.48 -10.84
N GLY C 164 -30.87 1.01 -10.08
CA GLY C 164 -30.25 -0.33 -10.27
C GLY C 164 -29.46 -0.48 -11.56
N ASN C 165 -29.15 0.60 -12.28
CA ASN C 165 -28.41 0.53 -13.57
C ASN C 165 -27.16 1.41 -13.52
N SER C 166 -26.68 1.76 -12.31
CA SER C 166 -25.45 2.59 -12.12
C SER C 166 -24.55 1.96 -11.07
N GLN C 167 -23.25 2.20 -11.19
CA GLN C 167 -22.23 1.75 -10.22
C GLN C 167 -21.26 2.90 -9.96
N GLU C 168 -20.79 2.99 -8.73
CA GLU C 168 -19.89 4.08 -8.29
C GLU C 168 -18.53 3.49 -7.97
N SER C 169 -17.49 4.25 -8.27
CA SER C 169 -16.11 3.99 -7.82
C SER C 169 -15.56 5.27 -7.22
N VAL C 170 -14.76 5.16 -6.14
N VAL C 170 -14.73 5.13 -6.17
CA VAL C 170 -14.18 6.34 -5.45
CA VAL C 170 -14.16 6.28 -5.41
C VAL C 170 -12.67 6.13 -5.30
C VAL C 170 -12.65 6.12 -5.30
N THR C 171 -11.89 7.19 -5.54
CA THR C 171 -10.41 7.20 -5.39
C THR C 171 -10.06 7.09 -3.90
N GLU C 172 -8.82 6.66 -3.63
CA GLU C 172 -8.27 6.75 -2.26
C GLU C 172 -8.13 8.24 -1.92
N GLN C 173 -8.37 8.56 -0.66
CA GLN C 173 -8.19 9.92 -0.13
C GLN C 173 -6.85 10.47 -0.61
N ASP C 174 -6.84 11.69 -1.15
CA ASP C 174 -5.59 12.37 -1.60
C ASP C 174 -4.62 12.43 -0.42
N SER C 175 -3.36 12.05 -0.63
N SER C 175 -3.36 12.04 -0.67
CA SER C 175 -2.36 11.93 0.46
CA SER C 175 -2.26 11.95 0.33
C SER C 175 -1.90 13.32 0.94
C SER C 175 -2.00 13.32 0.96
N LYS C 176 -2.18 14.38 0.18
CA LYS C 176 -1.85 15.79 0.56
C LYS C 176 -3.08 16.49 1.13
N ASP C 177 -4.20 16.51 0.41
CA ASP C 177 -5.35 17.41 0.76
C ASP C 177 -6.59 16.60 1.20
N SER C 178 -6.51 15.27 1.24
CA SER C 178 -7.54 14.40 1.85
C SER C 178 -8.88 14.46 1.08
N THR C 179 -8.91 14.95 -0.16
CA THR C 179 -10.17 14.95 -0.97
C THR C 179 -10.35 13.59 -1.66
N TYR C 180 -11.57 13.35 -2.12
CA TYR C 180 -11.99 12.19 -2.93
C TYR C 180 -12.40 12.65 -4.32
N SER C 181 -12.27 11.76 -5.28
CA SER C 181 -13.02 11.83 -6.57
C SER C 181 -13.90 10.59 -6.70
N LEU C 182 -14.99 10.70 -7.45
CA LEU C 182 -15.99 9.63 -7.60
C LEU C 182 -16.45 9.57 -9.05
N SER C 183 -16.61 8.37 -9.58
CA SER C 183 -17.27 8.12 -10.89
C SER C 183 -18.59 7.40 -10.62
N SER C 184 -19.66 7.85 -11.28
CA SER C 184 -20.92 7.08 -11.41
C SER C 184 -21.05 6.71 -12.88
N THR C 185 -21.24 5.42 -13.18
CA THR C 185 -21.38 4.95 -14.57
C THR C 185 -22.78 4.34 -14.75
N LEU C 186 -23.55 4.91 -15.67
CA LEU C 186 -24.88 4.41 -16.11
C LEU C 186 -24.67 3.46 -17.28
N THR C 187 -25.14 2.23 -17.14
CA THR C 187 -25.08 1.20 -18.22
C THR C 187 -26.47 0.98 -18.81
N LEU C 188 -26.60 1.23 -20.12
CA LEU C 188 -27.84 1.01 -20.90
C LEU C 188 -27.49 0.15 -22.11
N SER C 189 -28.42 -0.68 -22.57
CA SER C 189 -28.34 -1.29 -23.93
C SER C 189 -28.38 -0.14 -24.94
N LYS C 190 -27.72 -0.32 -26.08
CA LYS C 190 -27.74 0.68 -27.18
C LYS C 190 -29.19 1.01 -27.50
N ALA C 191 -30.04 -0.03 -27.59
CA ALA C 191 -31.49 0.09 -27.92
C ALA C 191 -32.16 1.02 -26.92
N ASP C 192 -31.92 0.83 -25.61
CA ASP C 192 -32.54 1.64 -24.53
C ASP C 192 -31.96 3.07 -24.57
N TYR C 193 -30.66 3.22 -24.86
CA TYR C 193 -29.97 4.54 -24.96
C TYR C 193 -30.63 5.38 -26.07
N GLU C 194 -30.80 4.81 -27.26
CA GLU C 194 -31.27 5.53 -28.48
C GLU C 194 -32.74 5.96 -28.34
N LYS C 195 -33.48 5.42 -27.36
CA LYS C 195 -34.92 5.68 -27.13
C LYS C 195 -35.16 7.02 -26.41
N HIS C 196 -34.11 7.69 -25.92
CA HIS C 196 -34.24 8.90 -25.07
C HIS C 196 -33.25 9.99 -25.50
N LYS C 197 -33.52 11.24 -25.10
CA LYS C 197 -32.77 12.44 -25.57
C LYS C 197 -31.89 12.98 -24.43
N VAL C 198 -32.48 13.28 -23.26
CA VAL C 198 -31.83 14.07 -22.18
C VAL C 198 -31.23 13.12 -21.14
N TYR C 199 -29.89 13.13 -21.02
CA TYR C 199 -29.12 12.37 -20.02
C TYR C 199 -28.58 13.35 -19.00
N ALA C 200 -28.93 13.12 -17.73
CA ALA C 200 -28.62 14.06 -16.63
C ALA C 200 -28.07 13.29 -15.44
N CYS C 201 -27.03 13.86 -14.83
N CYS C 201 -26.98 13.76 -14.84
CA CYS C 201 -26.40 13.44 -13.57
CA CYS C 201 -26.55 13.27 -13.50
C CYS C 201 -26.69 14.53 -12.53
C CYS C 201 -26.65 14.44 -12.52
N GLU C 202 -27.41 14.20 -11.44
CA GLU C 202 -27.75 15.19 -10.39
C GLU C 202 -27.04 14.81 -9.10
N VAL C 203 -26.24 15.75 -8.60
CA VAL C 203 -25.32 15.50 -7.45
C VAL C 203 -25.82 16.32 -6.27
N THR C 204 -26.03 15.64 -5.15
CA THR C 204 -26.33 16.22 -3.83
C THR C 204 -25.14 15.94 -2.91
N HIS C 205 -24.62 16.99 -2.29
CA HIS C 205 -23.41 16.91 -1.43
C HIS C 205 -23.42 18.07 -0.43
N GLN C 206 -22.86 17.85 0.76
CA GLN C 206 -22.80 18.84 1.85
C GLN C 206 -22.21 20.18 1.37
N GLY C 207 -21.24 20.17 0.46
CA GLY C 207 -20.55 21.38 -0.05
C GLY C 207 -21.37 22.14 -1.08
N LEU C 208 -22.50 21.59 -1.52
CA LEU C 208 -23.37 22.20 -2.58
C LEU C 208 -24.56 22.90 -1.93
N SER C 209 -24.76 24.18 -2.25
N SER C 209 -24.71 24.20 -2.21
CA SER C 209 -25.92 24.99 -1.81
CA SER C 209 -25.84 25.03 -1.72
C SER C 209 -27.23 24.38 -2.32
C SER C 209 -27.17 24.46 -2.21
N SER C 210 -27.19 23.74 -3.49
N SER C 210 -27.14 23.72 -3.33
CA SER C 210 -28.36 23.19 -4.22
CA SER C 210 -28.28 22.99 -3.92
C SER C 210 -27.83 22.11 -5.17
C SER C 210 -27.73 21.98 -4.94
N PRO C 211 -28.51 20.96 -5.35
CA PRO C 211 -27.99 19.94 -6.26
C PRO C 211 -27.53 20.52 -7.61
N VAL C 212 -26.40 20.03 -8.09
CA VAL C 212 -25.80 20.39 -9.41
C VAL C 212 -26.19 19.28 -10.38
N THR C 213 -26.73 19.67 -11.53
CA THR C 213 -27.07 18.74 -12.64
C THR C 213 -26.16 19.06 -13.82
N LYS C 214 -25.51 18.03 -14.37
CA LYS C 214 -24.80 18.12 -15.67
C LYS C 214 -25.55 17.21 -16.65
N SER C 215 -25.81 17.71 -17.85
CA SER C 215 -26.71 17.07 -18.82
C SER C 215 -26.12 17.20 -20.22
N PHE C 216 -26.49 16.29 -21.11
CA PHE C 216 -26.36 16.46 -22.58
C PHE C 216 -27.62 15.92 -23.27
N ASN C 217 -27.80 16.31 -24.52
CA ASN C 217 -28.84 15.76 -25.43
C ASN C 217 -28.16 14.81 -26.41
N ARG C 218 -28.58 13.54 -26.43
CA ARG C 218 -28.09 12.55 -27.41
C ARG C 218 -28.20 13.19 -28.79
N GLY C 219 -27.08 13.67 -29.35
CA GLY C 219 -27.03 14.49 -30.57
C GLY C 219 -26.86 15.97 -30.24
#